data_6Y7H
#
_entry.id   6Y7H
#
_cell.length_a   58.610
_cell.length_b   38.310
_cell.length_c   60.940
_cell.angle_alpha   90.000
_cell.angle_beta   107.050
_cell.angle_gamma   90.000
#
_symmetry.space_group_name_H-M   'P 1 21 1'
#
loop_
_entity.id
_entity.type
_entity.pdbx_description
1 polymer 'Bromodomain-containing protein 9'
2 non-polymer 1-(8-phenylpyrrolo[1,2-a]pyrimidin-6-yl)ethanone
3 non-polymer 1,2-ETHANEDIOL
4 water water
#
_entity_poly.entity_id   1
_entity_poly.type   'polypeptide(L)'
_entity_poly.pdbx_seq_one_letter_code
;LKLSAENESTPIQQLLEHFLRQLQRKDPHGFFAFPVTDAIAPGYSMIIKHPMDFGTMKDKIVANEYKSVTEFKADFKLMC
DNAMTYNRPDTVYYKLAKKILHAGFKMMSKERLLALKRSMS
;
_entity_poly.pdbx_strand_id   A,B
#
loop_
_chem_comp.id
_chem_comp.type
_chem_comp.name
_chem_comp.formula
EDO non-polymer 1,2-ETHANEDIOL 'C2 H6 O2'
OFK non-polymer 1-(8-phenylpyrrolo[1,2-a]pyrimidin-6-yl)ethanone 'C15 H12 N2 O'
#
# COMPACT_ATOMS: atom_id res chain seq x y z
N GLU A 8 9.72 3.62 -32.22
CA GLU A 8 10.30 3.54 -30.84
C GLU A 8 10.03 2.15 -30.14
N SER A 9 8.82 1.93 -29.62
CA SER A 9 8.58 0.87 -28.67
C SER A 9 7.89 -0.38 -29.30
N THR A 10 7.73 -1.45 -28.53
CA THR A 10 7.00 -2.67 -28.93
C THR A 10 5.84 -2.94 -27.95
N PRO A 11 4.90 -3.85 -28.28
CA PRO A 11 3.81 -4.07 -27.35
C PRO A 11 4.26 -4.59 -25.97
N ILE A 12 5.17 -5.54 -25.92
CA ILE A 12 5.65 -6.06 -24.62
C ILE A 12 6.34 -4.93 -23.79
N GLN A 13 7.10 -4.07 -24.45
CA GLN A 13 7.70 -2.95 -23.73
C GLN A 13 6.64 -2.03 -23.13
N GLN A 14 5.59 -1.72 -23.89
CA GLN A 14 4.50 -0.90 -23.35
C GLN A 14 3.79 -1.50 -22.14
N LEU A 15 3.57 -2.82 -22.18
CA LEU A 15 2.89 -3.55 -21.07
CA LEU A 15 2.87 -3.49 -21.06
C LEU A 15 3.75 -3.50 -19.81
N LEU A 16 5.03 -3.76 -19.99
CA LEU A 16 5.95 -3.75 -18.88
C LEU A 16 6.17 -2.36 -18.29
N GLU A 17 6.15 -1.30 -19.12
CA GLU A 17 6.28 0.08 -18.62
C GLU A 17 5.03 0.42 -17.77
N HIS A 18 3.89 -0.12 -18.19
CA HIS A 18 2.60 0.01 -17.43
C HIS A 18 2.73 -0.59 -16.03
N PHE A 19 3.24 -1.81 -15.97
CA PHE A 19 3.39 -2.50 -14.68
C PHE A 19 4.38 -1.74 -13.72
N LEU A 20 5.48 -1.27 -14.31
CA LEU A 20 6.49 -0.52 -13.57
C LEU A 20 5.97 0.80 -13.05
N ARG A 21 5.22 1.52 -13.85
CA ARG A 21 4.68 2.77 -13.38
C ARG A 21 3.73 2.56 -12.17
N GLN A 22 2.87 1.54 -12.26
CA GLN A 22 1.93 1.24 -11.17
C GLN A 22 2.68 0.78 -9.91
N LEU A 23 3.76 0.06 -10.09
CA LEU A 23 4.53 -0.38 -8.92
C LEU A 23 5.25 0.86 -8.23
N GLN A 24 5.88 1.68 -9.04
CA GLN A 24 6.55 2.94 -8.53
C GLN A 24 5.64 3.93 -7.79
N ARG A 25 4.35 3.95 -8.14
CA ARG A 25 3.40 4.79 -7.48
C ARG A 25 3.26 4.48 -5.96
N LYS A 26 3.57 3.27 -5.54
CA LYS A 26 3.52 2.85 -4.12
C LYS A 26 4.70 3.33 -3.29
N ASP A 27 5.72 3.84 -3.99
CA ASP A 27 7.02 4.38 -3.45
C ASP A 27 7.19 5.85 -3.84
N PRO A 28 6.27 6.73 -3.37
CA PRO A 28 6.32 8.14 -3.83
C PRO A 28 7.63 8.86 -3.46
N HIS A 29 8.35 8.41 -2.42
CA HIS A 29 9.62 9.05 -2.03
C HIS A 29 10.80 8.59 -2.83
N GLY A 30 10.66 7.49 -3.58
CA GLY A 30 11.79 6.98 -4.36
C GLY A 30 12.83 6.18 -3.61
N PHE A 31 12.48 5.49 -2.51
CA PHE A 31 13.48 4.67 -1.80
C PHE A 31 14.01 3.50 -2.64
N PHE A 32 13.21 3.07 -3.64
CA PHE A 32 13.50 1.97 -4.50
C PHE A 32 13.90 2.47 -5.92
N ALA A 33 14.04 3.80 -6.09
CA ALA A 33 14.24 4.40 -7.43
C ALA A 33 15.66 4.16 -7.99
N PHE A 34 16.67 4.13 -7.12
CA PHE A 34 18.06 4.03 -7.52
C PHE A 34 18.76 2.91 -6.72
N PRO A 35 19.94 2.50 -7.13
CA PRO A 35 20.60 1.41 -6.41
C PRO A 35 21.00 1.77 -4.99
N VAL A 36 20.88 0.79 -4.13
CA VAL A 36 21.43 0.91 -2.80
C VAL A 36 22.99 0.81 -2.87
N THR A 37 23.65 1.72 -2.19
CA THR A 37 25.10 1.71 -2.04
C THR A 37 25.51 1.39 -0.59
N ASP A 38 26.78 1.05 -0.42
CA ASP A 38 27.36 0.81 0.93
C ASP A 38 27.41 2.08 1.80
N ALA A 39 27.50 3.24 1.17
CA ALA A 39 27.34 4.50 1.85
C ALA A 39 25.97 4.68 2.49
N ILE A 40 24.92 4.28 1.80
CA ILE A 40 23.61 4.41 2.48
CA ILE A 40 23.54 4.34 2.31
C ILE A 40 23.27 3.23 3.37
N ALA A 41 23.73 2.03 3.05
CA ALA A 41 23.41 0.82 3.78
C ALA A 41 24.70 0.05 4.07
N PRO A 42 25.21 0.18 5.32
CA PRO A 42 26.49 -0.46 5.64
C PRO A 42 26.54 -1.96 5.37
N GLY A 43 27.62 -2.37 4.71
CA GLY A 43 27.83 -3.73 4.34
C GLY A 43 26.92 -4.34 3.32
N TYR A 44 26.11 -3.54 2.63
CA TYR A 44 25.06 -4.11 1.72
C TYR A 44 25.65 -5.12 0.77
N SER A 45 26.78 -4.75 0.12
CA SER A 45 27.42 -5.52 -0.95
C SER A 45 27.94 -6.85 -0.48
N MET A 46 28.16 -7.00 0.80
CA MET A 46 28.47 -8.30 1.36
C MET A 46 27.27 -9.21 1.47
N ILE A 47 26.18 -8.64 1.99
CA ILE A 47 25.00 -9.38 2.36
C ILE A 47 24.14 -9.71 1.15
N ILE A 48 24.04 -8.76 0.21
CA ILE A 48 23.15 -8.89 -0.94
C ILE A 48 23.99 -9.08 -2.17
N LYS A 49 23.94 -10.25 -2.79
CA LYS A 49 24.78 -10.53 -3.99
C LYS A 49 24.22 -10.03 -5.32
N HIS A 50 22.90 -9.96 -5.49
CA HIS A 50 22.29 -9.57 -6.80
C HIS A 50 21.34 -8.38 -6.55
N PRO A 51 21.88 -7.16 -6.47
CA PRO A 51 21.10 -5.92 -6.26
C PRO A 51 20.15 -5.64 -7.38
N MET A 52 19.01 -5.02 -7.06
CA MET A 52 18.07 -4.51 -8.06
C MET A 52 17.24 -3.33 -7.54
N ASP A 53 16.75 -2.51 -8.44
CA ASP A 53 16.01 -1.29 -8.19
C ASP A 53 15.15 -0.93 -9.38
N PHE A 54 14.22 0.01 -9.21
CA PHE A 54 13.25 0.38 -10.28
C PHE A 54 13.91 1.07 -11.44
N GLY A 55 14.93 1.87 -11.14
CA GLY A 55 15.72 2.53 -12.22
C GLY A 55 16.36 1.55 -13.17
N THR A 56 17.02 0.53 -12.64
CA THR A 56 17.64 -0.50 -13.43
C THR A 56 16.61 -1.25 -14.25
N MET A 57 15.45 -1.53 -13.63
CA MET A 57 14.39 -2.29 -14.32
C MET A 57 13.89 -1.42 -15.52
N LYS A 58 13.76 -0.13 -15.32
CA LYS A 58 13.30 0.77 -16.42
C LYS A 58 14.30 0.72 -17.59
N ASP A 59 15.59 0.81 -17.26
CA ASP A 59 16.66 0.70 -18.28
C ASP A 59 16.61 -0.61 -19.03
N LYS A 60 16.33 -1.72 -18.36
CA LYS A 60 16.21 -3.01 -19.04
C LYS A 60 15.01 -3.10 -20.01
N ILE A 61 13.85 -2.57 -19.59
CA ILE A 61 12.68 -2.45 -20.47
C ILE A 61 13.04 -1.66 -21.76
N VAL A 62 13.68 -0.51 -21.61
CA VAL A 62 14.01 0.34 -22.73
C VAL A 62 15.02 -0.34 -23.67
N ALA A 63 16.02 -0.98 -23.12
CA ALA A 63 16.97 -1.86 -23.92
C ALA A 63 16.37 -3.19 -24.51
N ASN A 64 15.10 -3.47 -24.19
CA ASN A 64 14.38 -4.66 -24.65
C ASN A 64 15.01 -5.98 -24.18
N GLU A 65 15.54 -5.93 -22.96
CA GLU A 65 16.15 -7.09 -22.31
C GLU A 65 15.22 -8.15 -21.75
N TYR A 66 13.91 -7.86 -21.60
CA TYR A 66 12.95 -8.79 -21.03
C TYR A 66 12.15 -9.50 -22.18
N LYS A 67 12.15 -10.85 -22.19
CA LYS A 67 11.45 -11.65 -23.20
C LYS A 67 9.98 -11.91 -22.82
N SER A 68 9.68 -11.78 -21.51
CA SER A 68 8.41 -12.25 -20.94
C SER A 68 8.10 -11.52 -19.62
N VAL A 69 6.83 -11.58 -19.21
CA VAL A 69 6.39 -11.01 -17.95
C VAL A 69 7.08 -11.78 -16.82
N THR A 70 7.32 -13.10 -17.00
CA THR A 70 8.09 -13.93 -16.02
C THR A 70 9.43 -13.31 -15.66
N GLU A 71 10.18 -12.93 -16.67
CA GLU A 71 11.52 -12.31 -16.51
C GLU A 71 11.51 -10.97 -15.75
N PHE A 72 10.52 -10.14 -16.10
CA PHE A 72 10.31 -8.90 -15.39
C PHE A 72 9.90 -9.12 -13.95
N LYS A 73 8.92 -10.02 -13.72
CA LYS A 73 8.40 -10.31 -12.38
C LYS A 73 9.53 -10.83 -11.47
N ALA A 74 10.44 -11.59 -12.04
CA ALA A 74 11.59 -12.09 -11.29
C ALA A 74 12.55 -10.99 -10.76
N ASP A 75 12.80 -9.97 -11.57
CA ASP A 75 13.58 -8.81 -11.08
C ASP A 75 12.80 -8.02 -10.00
N PHE A 76 11.50 -7.85 -10.24
CA PHE A 76 10.63 -7.21 -9.22
C PHE A 76 10.68 -7.90 -7.86
N LYS A 77 10.51 -9.23 -7.84
CA LYS A 77 10.58 -9.99 -6.61
C LYS A 77 11.98 -9.99 -6.02
N LEU A 78 13.06 -10.01 -6.82
CA LEU A 78 14.45 -9.90 -6.28
C LEU A 78 14.69 -8.61 -5.48
N MET A 79 14.14 -7.51 -6.00
CA MET A 79 14.29 -6.17 -5.41
C MET A 79 13.64 -6.19 -4.00
N CYS A 80 12.45 -6.77 -3.97
CA CYS A 80 11.65 -6.81 -2.71
C CYS A 80 12.32 -7.75 -1.68
N ASP A 81 12.75 -8.94 -2.16
CA ASP A 81 13.43 -9.94 -1.31
C ASP A 81 14.76 -9.43 -0.72
N ASN A 82 15.56 -8.72 -1.53
CA ASN A 82 16.76 -8.04 -1.08
C ASN A 82 16.47 -7.14 0.10
N ALA A 83 15.41 -6.35 -0.04
CA ALA A 83 15.10 -5.35 1.03
C ALA A 83 14.61 -6.02 2.32
N MET A 84 13.81 -7.11 2.18
CA MET A 84 13.35 -7.88 3.29
C MET A 84 14.45 -8.72 3.90
N THR A 85 15.52 -9.06 3.17
CA THR A 85 16.65 -9.82 3.74
C THR A 85 17.58 -8.87 4.51
N TYR A 86 17.93 -7.74 3.89
CA TYR A 86 18.91 -6.83 4.50
C TYR A 86 18.35 -6.05 5.74
N ASN A 87 17.18 -5.44 5.59
CA ASN A 87 16.54 -4.59 6.58
C ASN A 87 15.75 -5.38 7.67
N ARG A 88 15.79 -4.88 8.94
CA ARG A 88 14.94 -5.42 10.00
C ARG A 88 13.46 -5.21 9.75
N PRO A 89 12.63 -6.13 10.26
CA PRO A 89 11.18 -6.02 10.11
C PRO A 89 10.56 -4.70 10.51
N ASP A 90 11.15 -4.04 11.52
CA ASP A 90 10.66 -2.78 12.05
C ASP A 90 10.92 -1.56 11.17
N THR A 91 11.61 -1.71 10.05
CA THR A 91 11.98 -0.55 9.30
C THR A 91 11.01 -0.18 8.21
N VAL A 92 11.12 1.05 7.74
CA VAL A 92 10.30 1.53 6.62
C VAL A 92 10.61 0.76 5.34
N TYR A 93 11.89 0.38 5.17
CA TYR A 93 12.30 -0.21 3.92
C TYR A 93 11.66 -1.63 3.84
N TYR A 94 11.73 -2.37 4.93
CA TYR A 94 11.07 -3.70 5.01
C TYR A 94 9.56 -3.63 4.78
N LYS A 95 8.87 -2.70 5.46
CA LYS A 95 7.44 -2.59 5.39
C LYS A 95 7.00 -2.19 3.98
N LEU A 96 7.71 -1.25 3.36
CA LEU A 96 7.39 -0.83 2.00
C LEU A 96 7.66 -1.96 0.93
N ALA A 97 8.76 -2.71 1.13
CA ALA A 97 9.07 -3.83 0.24
C ALA A 97 7.91 -4.87 0.26
N LYS A 98 7.36 -5.15 1.45
CA LYS A 98 6.22 -6.08 1.64
C LYS A 98 4.96 -5.54 0.93
N LYS A 99 4.65 -4.24 1.10
CA LYS A 99 3.57 -3.57 0.36
C LYS A 99 3.69 -3.69 -1.19
N ILE A 100 4.90 -3.47 -1.70
CA ILE A 100 5.18 -3.53 -3.15
C ILE A 100 5.02 -4.99 -3.63
N LEU A 101 5.56 -5.93 -2.86
CA LEU A 101 5.56 -7.32 -3.24
C LEU A 101 4.11 -7.79 -3.42
N HIS A 102 3.25 -7.45 -2.48
CA HIS A 102 1.83 -7.81 -2.58
C HIS A 102 1.14 -7.20 -3.80
N ALA A 103 1.34 -5.93 -4.01
CA ALA A 103 0.81 -5.23 -5.16
C ALA A 103 1.22 -5.88 -6.48
N GLY A 104 2.47 -6.24 -6.61
CA GLY A 104 2.88 -6.85 -7.86
C GLY A 104 2.34 -8.26 -8.15
N PHE A 105 2.34 -9.09 -7.15
CA PHE A 105 1.76 -10.45 -7.23
C PHE A 105 0.29 -10.41 -7.62
N LYS A 106 -0.45 -9.46 -7.06
CA LYS A 106 -1.82 -9.23 -7.50
C LYS A 106 -1.93 -8.74 -8.95
N MET A 107 -1.10 -7.75 -9.29
CA MET A 107 -1.15 -7.06 -10.60
C MET A 107 -0.79 -7.98 -11.81
N MET A 108 0.15 -8.88 -11.56
CA MET A 108 0.73 -9.83 -12.56
C MET A 108 0.30 -11.30 -12.25
N SER A 109 -0.83 -11.50 -11.58
CA SER A 109 -1.29 -12.87 -11.30
C SER A 109 -1.59 -13.61 -12.59
N LYS A 110 -1.43 -14.93 -12.54
CA LYS A 110 -1.91 -15.78 -13.64
C LYS A 110 -3.36 -15.48 -14.07
N GLU A 111 -4.26 -15.18 -13.12
CA GLU A 111 -5.63 -14.84 -13.51
C GLU A 111 -5.67 -13.57 -14.40
N ARG A 112 -4.90 -12.54 -14.00
CA ARG A 112 -4.84 -11.28 -14.73
C ARG A 112 -4.24 -11.44 -16.14
N LEU A 113 -3.17 -12.21 -16.24
CA LEU A 113 -2.49 -12.41 -17.50
C LEU A 113 -3.38 -13.28 -18.46
N LEU A 114 -4.11 -14.26 -17.90
CA LEU A 114 -5.10 -15.01 -18.71
C LEU A 114 -6.17 -14.10 -19.38
N ALA A 115 -6.83 -13.26 -18.59
CA ALA A 115 -7.75 -12.26 -19.09
C ALA A 115 -7.14 -11.37 -20.14
N LEU A 116 -5.94 -10.86 -19.90
CA LEU A 116 -5.21 -10.13 -20.94
C LEU A 116 -4.99 -10.97 -22.23
N LYS A 117 -4.57 -12.23 -22.10
CA LYS A 117 -4.33 -13.05 -23.26
C LYS A 117 -5.67 -13.34 -24.07
N ARG A 118 -6.78 -13.48 -23.36
CA ARG A 118 -8.04 -13.65 -24.00
C ARG A 118 -8.43 -12.37 -24.79
N SER A 119 -8.13 -11.17 -24.29
CA SER A 119 -8.44 -9.93 -25.03
C SER A 119 -7.53 -9.68 -26.25
N MET A 120 -6.44 -10.46 -26.39
CA MET A 120 -5.54 -10.45 -27.57
C MET A 120 -5.96 -11.46 -28.68
N SER A 121 -7.23 -11.55 -28.95
CA SER A 121 -7.69 -12.20 -30.19
C SER A 121 -8.73 -11.34 -30.81
N GLU B 8 2.48 20.50 -3.40
CA GLU B 8 2.65 19.03 -3.68
C GLU B 8 1.47 18.13 -3.23
N SER B 9 0.26 18.69 -3.00
CA SER B 9 -0.99 17.93 -2.72
C SER B 9 -2.10 18.28 -3.70
N THR B 10 -3.12 17.43 -3.75
CA THR B 10 -4.33 17.66 -4.53
C THR B 10 -5.56 17.91 -3.65
N PRO B 11 -6.65 18.42 -4.22
CA PRO B 11 -7.88 18.63 -3.39
C PRO B 11 -8.39 17.34 -2.75
N ILE B 12 -8.36 16.24 -3.49
CA ILE B 12 -8.86 14.95 -2.95
C ILE B 12 -7.99 14.50 -1.78
N GLN B 13 -6.66 14.61 -1.90
CA GLN B 13 -5.77 14.26 -0.80
C GLN B 13 -5.98 15.11 0.47
N GLN B 14 -6.23 16.41 0.25
CA GLN B 14 -6.58 17.34 1.34
C GLN B 14 -7.88 16.95 2.05
N LEU B 15 -8.93 16.64 1.26
CA LEU B 15 -10.17 16.14 1.84
C LEU B 15 -10.02 14.82 2.61
N LEU B 16 -9.33 13.86 2.05
CA LEU B 16 -9.07 12.66 2.82
C LEU B 16 -8.19 12.84 4.07
N GLU B 17 -7.19 13.73 4.04
CA GLU B 17 -6.40 14.01 5.26
C GLU B 17 -7.25 14.63 6.33
N HIS B 18 -8.19 15.51 5.95
CA HIS B 18 -9.11 16.08 6.95
C HIS B 18 -9.97 14.99 7.61
N PHE B 19 -10.63 14.11 6.83
CA PHE B 19 -11.41 13.00 7.40
C PHE B 19 -10.54 12.14 8.31
N LEU B 20 -9.34 11.81 7.86
CA LEU B 20 -8.43 10.99 8.68
C LEU B 20 -8.06 11.71 10.00
N ARG B 21 -7.65 12.98 9.94
CA ARG B 21 -7.39 13.73 11.17
C ARG B 21 -8.58 13.71 12.13
N GLN B 22 -9.78 13.94 11.60
CA GLN B 22 -10.96 13.95 12.45
C GLN B 22 -11.20 12.58 13.12
N LEU B 23 -10.99 11.48 12.37
CA LEU B 23 -11.18 10.16 12.92
C LEU B 23 -10.07 9.86 13.97
N GLN B 24 -8.80 10.23 13.71
CA GLN B 24 -7.74 10.00 14.71
C GLN B 24 -7.92 10.78 16.00
N ARG B 25 -8.59 11.94 15.97
CA ARG B 25 -8.93 12.65 17.24
C ARG B 25 -9.81 11.81 18.18
N LYS B 26 -10.53 10.84 17.64
CA LYS B 26 -11.36 10.01 18.46
C LYS B 26 -10.52 8.85 19.08
N ASP B 27 -9.26 8.69 18.67
CA ASP B 27 -8.31 7.69 19.21
C ASP B 27 -7.13 8.47 19.82
N PRO B 28 -7.42 9.29 20.85
CA PRO B 28 -6.35 10.15 21.34
C PRO B 28 -5.12 9.38 21.86
N HIS B 29 -5.31 8.16 22.34
CA HIS B 29 -4.19 7.36 22.88
C HIS B 29 -3.48 6.41 21.85
N GLY B 30 -3.78 6.58 20.56
CA GLY B 30 -3.06 5.86 19.50
C GLY B 30 -3.22 4.35 19.37
N PHE B 31 -4.32 3.78 19.85
CA PHE B 31 -4.56 2.32 19.70
C PHE B 31 -4.60 1.81 18.25
N PHE B 32 -5.06 2.68 17.35
CA PHE B 32 -5.24 2.33 15.95
C PHE B 32 -4.20 3.02 15.06
N ALA B 33 -3.14 3.61 15.63
CA ALA B 33 -2.20 4.49 14.86
C ALA B 33 -1.21 3.76 13.95
N PHE B 34 -0.89 2.52 14.32
CA PHE B 34 0.14 1.68 13.68
C PHE B 34 -0.33 0.22 13.56
N PRO B 35 0.31 -0.58 12.67
CA PRO B 35 -0.13 -1.96 12.55
C PRO B 35 0.05 -2.74 13.86
N VAL B 36 -0.83 -3.73 14.04
CA VAL B 36 -0.86 -4.58 15.23
C VAL B 36 0.09 -5.76 15.01
N THR B 37 1.08 -5.91 15.88
CA THR B 37 2.06 -7.02 15.79
C THR B 37 1.61 -8.23 16.56
N ASP B 38 2.02 -9.41 16.12
CA ASP B 38 1.91 -10.62 16.95
C ASP B 38 2.57 -10.50 18.33
N ALA B 39 3.59 -9.67 18.47
CA ALA B 39 4.11 -9.35 19.79
C ALA B 39 3.04 -8.78 20.74
N ILE B 40 2.26 -7.78 20.32
CA ILE B 40 1.23 -7.24 21.21
C ILE B 40 -0.06 -8.09 21.25
N ALA B 41 -0.38 -8.78 20.19
CA ALA B 41 -1.65 -9.47 20.09
C ALA B 41 -1.40 -10.87 19.55
N PRO B 42 -1.06 -11.85 20.44
CA PRO B 42 -0.58 -13.13 19.95
C PRO B 42 -1.58 -13.78 19.03
N GLY B 43 -1.08 -14.37 17.95
CA GLY B 43 -1.90 -14.94 16.94
C GLY B 43 -2.66 -13.95 16.06
N TYR B 44 -2.39 -12.64 16.15
CA TYR B 44 -3.15 -11.67 15.31
C TYR B 44 -3.01 -12.13 13.86
N SER B 45 -1.76 -12.23 13.43
CA SER B 45 -1.43 -12.55 12.03
C SER B 45 -2.08 -13.85 11.53
N MET B 46 -2.32 -14.81 12.44
CA MET B 46 -3.01 -16.07 12.12
C MET B 46 -4.53 -15.94 11.91
N ILE B 47 -5.19 -14.93 12.49
CA ILE B 47 -6.68 -14.81 12.41
C ILE B 47 -7.15 -13.67 11.47
N ILE B 48 -6.43 -12.55 11.46
CA ILE B 48 -6.76 -11.38 10.59
C ILE B 48 -5.98 -11.43 9.24
N LYS B 49 -6.68 -11.76 8.15
CA LYS B 49 -6.08 -11.88 6.78
C LYS B 49 -5.66 -10.53 6.19
N HIS B 50 -6.46 -9.47 6.45
CA HIS B 50 -6.28 -8.15 5.80
C HIS B 50 -6.14 -7.02 6.80
N PRO B 51 -4.99 -6.95 7.49
CA PRO B 51 -4.79 -5.97 8.52
C PRO B 51 -4.90 -4.54 7.98
N MET B 52 -5.30 -3.61 8.83
CA MET B 52 -5.42 -2.17 8.45
C MET B 52 -5.28 -1.32 9.70
N ASP B 53 -4.72 -0.13 9.54
CA ASP B 53 -4.56 0.85 10.62
C ASP B 53 -4.45 2.30 10.05
N PHE B 54 -4.56 3.33 10.90
CA PHE B 54 -4.51 4.73 10.49
C PHE B 54 -3.20 5.18 9.76
N GLY B 55 -2.03 4.72 10.21
CA GLY B 55 -0.72 5.00 9.58
C GLY B 55 -0.63 4.50 8.15
N THR B 56 -1.07 3.28 7.90
CA THR B 56 -1.18 2.75 6.57
C THR B 56 -2.17 3.50 5.66
N MET B 57 -3.31 3.93 6.21
CA MET B 57 -4.26 4.78 5.48
C MET B 57 -3.61 6.14 5.11
N LYS B 58 -2.91 6.77 6.02
CA LYS B 58 -2.15 7.96 5.73
C LYS B 58 -1.15 7.76 4.58
N ASP B 59 -0.34 6.68 4.62
CA ASP B 59 0.57 6.41 3.48
C ASP B 59 -0.13 6.21 2.11
N LYS B 60 -1.27 5.53 2.10
CA LYS B 60 -2.07 5.41 0.89
C LYS B 60 -2.56 6.78 0.37
N ILE B 61 -2.86 7.69 1.27
CA ILE B 61 -3.26 9.05 0.82
C ILE B 61 -2.04 9.75 0.17
N VAL B 62 -0.90 9.69 0.86
CA VAL B 62 0.37 10.24 0.35
C VAL B 62 0.72 9.65 -1.04
N ALA B 63 0.55 8.35 -1.20
CA ALA B 63 0.80 7.75 -2.51
C ALA B 63 -0.33 7.93 -3.57
N ASN B 64 -1.43 8.60 -3.20
CA ASN B 64 -2.53 8.91 -4.11
C ASN B 64 -3.15 7.63 -4.67
N GLU B 65 -3.32 6.65 -3.79
CA GLU B 65 -3.95 5.37 -4.04
C GLU B 65 -5.49 5.29 -3.89
N TYR B 66 -6.15 6.28 -3.27
CA TYR B 66 -7.62 6.27 -3.17
C TYR B 66 -8.20 7.13 -4.31
N LYS B 67 -9.05 6.53 -5.12
CA LYS B 67 -9.79 7.18 -6.24
C LYS B 67 -11.05 7.93 -5.73
N SER B 68 -11.59 7.48 -4.63
CA SER B 68 -12.88 8.00 -4.09
C SER B 68 -12.98 7.94 -2.58
N VAL B 69 -13.93 8.67 -2.00
CA VAL B 69 -14.21 8.54 -0.55
C VAL B 69 -14.69 7.12 -0.19
N THR B 70 -15.45 6.47 -1.09
CA THR B 70 -15.87 5.05 -0.90
C THR B 70 -14.68 4.08 -0.63
N GLU B 71 -13.63 4.14 -1.47
CA GLU B 71 -12.41 3.37 -1.22
C GLU B 71 -11.77 3.61 0.17
N PHE B 72 -11.69 4.88 0.58
CA PHE B 72 -11.16 5.28 1.91
C PHE B 72 -12.07 4.75 3.02
N LYS B 73 -13.38 4.90 2.84
CA LYS B 73 -14.35 4.42 3.81
CA LYS B 73 -14.34 4.42 3.84
C LYS B 73 -14.23 2.91 4.04
N ALA B 74 -13.99 2.17 2.94
CA ALA B 74 -13.79 0.70 3.03
C ALA B 74 -12.60 0.26 3.88
N ASP B 75 -11.47 0.96 3.77
CA ASP B 75 -10.29 0.70 4.65
C ASP B 75 -10.59 1.02 6.13
N PHE B 76 -11.31 2.11 6.37
CA PHE B 76 -11.67 2.47 7.72
C PHE B 76 -12.58 1.37 8.30
N LYS B 77 -13.56 0.94 7.54
CA LYS B 77 -14.45 -0.17 7.99
C LYS B 77 -13.68 -1.47 8.24
N LEU B 78 -12.73 -1.81 7.37
CA LEU B 78 -11.86 -3.00 7.56
C LEU B 78 -11.09 -2.95 8.89
N MET B 79 -10.44 -1.80 9.14
CA MET B 79 -9.77 -1.54 10.39
C MET B 79 -10.66 -1.85 11.63
N CYS B 80 -11.81 -1.22 11.67
CA CYS B 80 -12.77 -1.41 12.76
C CYS B 80 -13.31 -2.86 12.83
N ASP B 81 -13.71 -3.39 11.70
CA ASP B 81 -14.17 -4.82 11.57
C ASP B 81 -13.13 -5.83 12.09
N ASN B 82 -11.86 -5.61 11.77
CA ASN B 82 -10.78 -6.42 12.29
C ASN B 82 -10.75 -6.38 13.81
N ALA B 83 -10.73 -5.18 14.38
CA ALA B 83 -10.68 -4.95 15.84
C ALA B 83 -11.79 -5.66 16.62
N MET B 84 -12.98 -5.68 16.04
CA MET B 84 -14.16 -6.28 16.55
C MET B 84 -14.20 -7.80 16.36
N THR B 85 -13.33 -8.35 15.52
CA THR B 85 -13.24 -9.80 15.21
C THR B 85 -12.17 -10.52 16.09
N TYR B 86 -11.01 -9.91 16.24
CA TYR B 86 -10.01 -10.44 17.14
C TYR B 86 -10.38 -10.26 18.60
N ASN B 87 -10.84 -9.05 18.94
CA ASN B 87 -11.00 -8.66 20.34
C ASN B 87 -12.34 -9.05 20.83
N ARG B 88 -12.36 -9.59 22.05
CA ARG B 88 -13.63 -9.93 22.70
C ARG B 88 -14.45 -8.61 23.05
N PRO B 89 -15.83 -8.69 23.05
CA PRO B 89 -16.69 -7.51 23.30
C PRO B 89 -16.41 -6.71 24.55
N ASP B 90 -15.97 -7.39 25.60
CA ASP B 90 -15.60 -6.73 26.85
C ASP B 90 -14.36 -5.88 26.83
N THR B 91 -13.58 -5.87 25.75
CA THR B 91 -12.34 -5.10 25.76
C THR B 91 -12.54 -3.69 25.27
N VAL B 92 -11.57 -2.86 25.64
CA VAL B 92 -11.52 -1.46 25.25
C VAL B 92 -11.32 -1.28 23.74
N TYR B 93 -10.67 -2.26 23.09
CA TYR B 93 -10.38 -2.19 21.68
C TYR B 93 -11.61 -2.45 20.86
N TYR B 94 -12.38 -3.45 21.28
CA TYR B 94 -13.67 -3.73 20.66
C TYR B 94 -14.57 -2.55 20.81
N LYS B 95 -14.62 -1.98 22.01
CA LYS B 95 -15.53 -0.82 22.24
C LYS B 95 -15.17 0.47 21.51
N LEU B 96 -13.90 0.82 21.50
CA LEU B 96 -13.47 1.99 20.81
C LEU B 96 -13.66 1.84 19.29
N ALA B 97 -13.42 0.63 18.78
CA ALA B 97 -13.56 0.35 17.36
C ALA B 97 -14.99 0.56 16.92
N LYS B 98 -15.90 0.11 17.77
CA LYS B 98 -17.30 0.27 17.46
C LYS B 98 -17.74 1.73 17.42
N LYS B 99 -17.28 2.50 18.38
CA LYS B 99 -17.64 3.94 18.47
CA LYS B 99 -17.61 3.94 18.50
C LYS B 99 -17.12 4.68 17.27
N ILE B 100 -15.85 4.40 16.93
CA ILE B 100 -15.10 5.00 15.80
C ILE B 100 -15.81 4.69 14.48
N LEU B 101 -16.28 3.44 14.32
CA LEU B 101 -16.94 3.03 13.12
C LEU B 101 -18.23 3.87 12.91
N HIS B 102 -19.07 3.96 13.93
CA HIS B 102 -20.26 4.82 13.86
C HIS B 102 -19.97 6.30 13.58
N ALA B 103 -18.94 6.86 14.20
CA ALA B 103 -18.59 8.27 13.93
C ALA B 103 -18.22 8.53 12.48
N GLY B 104 -17.43 7.62 11.94
CA GLY B 104 -16.99 7.74 10.58
C GLY B 104 -18.06 7.58 9.55
N PHE B 105 -19.03 6.73 9.86
CA PHE B 105 -20.11 6.60 8.93
C PHE B 105 -21.04 7.81 8.97
N LYS B 106 -21.09 8.47 10.10
CA LYS B 106 -21.89 9.71 10.21
C LYS B 106 -21.17 10.87 9.46
N MET B 107 -19.85 10.95 9.68
CA MET B 107 -19.00 12.01 9.08
C MET B 107 -19.00 11.92 7.55
N MET B 108 -18.99 10.71 7.03
CA MET B 108 -18.92 10.45 5.59
C MET B 108 -20.17 9.84 4.91
N SER B 109 -21.34 10.18 5.42
CA SER B 109 -22.57 9.61 4.92
C SER B 109 -22.92 10.23 3.57
N LYS B 110 -23.81 9.55 2.85
CA LYS B 110 -24.33 10.00 1.57
C LYS B 110 -24.87 11.44 1.65
N GLU B 111 -25.57 11.78 2.74
CA GLU B 111 -26.20 13.08 2.87
C GLU B 111 -25.14 14.11 3.06
N ARG B 112 -24.19 13.78 3.90
CA ARG B 112 -23.11 14.72 4.17
C ARG B 112 -22.31 14.97 2.84
N LEU B 113 -22.03 13.92 2.09
CA LEU B 113 -21.27 14.05 0.84
C LEU B 113 -22.04 14.81 -0.24
N LEU B 114 -23.35 14.64 -0.24
CA LEU B 114 -24.18 15.40 -1.17
C LEU B 114 -24.09 16.89 -0.90
N ALA B 115 -24.19 17.29 0.36
CA ALA B 115 -24.02 18.70 0.71
C ALA B 115 -22.66 19.23 0.32
N LEU B 116 -21.60 18.45 0.55
CA LEU B 116 -20.26 18.83 0.10
C LEU B 116 -20.18 19.06 -1.43
N LYS B 117 -20.68 18.10 -2.22
CA LYS B 117 -20.67 18.27 -3.69
C LYS B 117 -21.40 19.58 -4.14
N ARG B 118 -22.53 19.89 -3.54
CA ARG B 118 -23.23 21.11 -3.91
CA ARG B 118 -23.27 21.14 -3.81
C ARG B 118 -22.38 22.38 -3.56
N SER B 119 -21.63 22.33 -2.48
CA SER B 119 -20.74 23.42 -2.10
C SER B 119 -19.50 23.55 -3.06
N MET B 120 -19.24 22.53 -3.93
CA MET B 120 -18.16 22.54 -4.96
C MET B 120 -18.64 23.14 -6.28
N SER B 121 -19.80 23.76 -6.25
CA SER B 121 -20.22 24.69 -7.29
C SER B 121 -19.66 26.12 -7.12
CAC OFK C . 15.82 -0.20 -0.56
CAB OFK C . 16.69 -0.13 0.71
OAA OFK C . 16.99 -1.22 1.24
CAD OFK C . 17.06 1.13 1.19
CAE OFK C . 16.81 2.37 0.64
NAR OFK C . 17.76 1.36 2.35
CAQ OFK C . 18.22 0.42 3.31
CAP OFK C . 18.95 0.86 4.42
CAO OFK C . 19.14 2.25 4.55
NAN OFK C . 18.68 3.16 3.59
CAM OFK C . 17.97 2.71 2.49
CAF OFK C . 17.40 3.35 1.43
CAG OFK C . 17.44 4.76 1.23
CAH OFK C . 17.74 5.34 0.00
CAI OFK C . 17.84 6.72 -0.19
CAJ OFK C . 17.58 7.59 0.87
CAK OFK C . 17.26 7.06 2.14
CAL OFK C . 17.19 5.65 2.29
C1 EDO D . -2.15 -17.96 -18.05
O1 EDO D . -2.43 -18.44 -19.44
C2 EDO D . -1.31 -16.72 -17.70
O2 EDO D . 0.16 -16.80 -17.79
C1 EDO E . 22.11 7.09 -7.66
O1 EDO E . 21.50 7.87 -6.63
C2 EDO E . 21.90 7.65 -9.06
O2 EDO E . 21.57 6.54 -9.84
C1 EDO F . 18.51 4.72 7.59
O1 EDO F . 17.14 4.88 7.93
C2 EDO F . 19.26 3.80 8.52
O2 EDO F . 20.37 3.23 7.80
C1 EDO G . -1.02 5.15 -16.58
O1 EDO G . -2.43 5.30 -16.50
C2 EDO G . -0.70 3.81 -15.98
O2 EDO G . -0.16 2.99 -17.00
CAC OFK H . -6.36 -2.23 17.73
CAB OFK H . -5.99 -3.50 18.50
OAA OFK H . -6.52 -4.55 18.15
CAD OFK H . -5.05 -3.42 19.51
CAE OFK H . -4.33 -2.33 19.79
NAR OFK H . -4.67 -4.41 20.39
CAQ OFK H . -5.13 -5.74 20.54
CAP OFK H . -4.55 -6.51 21.55
CAO OFK H . -3.55 -5.98 22.38
NAN OFK H . -3.14 -4.65 22.19
CAM OFK H . -3.70 -3.87 21.20
CAF OFK H . -3.50 -2.59 20.81
CAG OFK H . -2.61 -1.69 21.34
CAH OFK H . -1.81 -0.90 20.49
CAI OFK H . -0.88 0.04 21.01
CAJ OFK H . -0.73 0.19 22.40
CAK OFK H . -1.53 -0.60 23.25
CAL OFK H . -2.45 -1.52 22.73
#